data_3FV2
#
_entry.id   3FV2
#
_cell.length_a   47.579
_cell.length_b   50.712
_cell.length_c   63.144
_cell.angle_alpha   85.72
_cell.angle_beta   95.79
_cell.angle_gamma   62.08
#
_symmetry.space_group_name_H-M   'P 1'
#
loop_
_entity.id
_entity.type
_entity.pdbx_description
1 polymer 'Glutamate receptor, ionotropic kainate 1'
2 non-polymer GLYCEROL
3 non-polymer '(2R,3aR,6R,7R,7aR)-2-[(2S)-2-amino-2-carboxyethyl]-6,7-dihydroxyhexahydro-2H-furo[3,2-b]pyran-2-carboxylic acid'
4 non-polymer 'SULFATE ION'
5 water water
#
_entity_poly.entity_id   1
_entity_poly.type   'polypeptide(L)'
_entity_poly.pdbx_seq_one_letter_code
;ANRTLIVTTILEEPYVMYRKSDKPLYGNDRFEGYCLDLLKELSNILGFIYDVKLVPDGKYGAQNDKGEWNGMVKELIDHR
ADLAVAPLTITYVREKVIDFSKPFMTLGISILYRKGTPIDSADDLAKQTKIEYGAVRDGSTMTFFKKSKISTYEKMWAFM
SSRQQTALVRNSDEGIQRVLTTDYALLMESTSIEYVTQRNCNLTQIGGLIDSKGYGVGTPIGSPYRDKITIAILQLQEEG
KLHMMKEKWWRGNGCP
;
_entity_poly.pdbx_strand_id   A,B
#
loop_
_chem_comp.id
_chem_comp.type
_chem_comp.name
_chem_comp.formula
GOL non-polymer GLYCEROL 'C3 H8 O3'
NDZ non-polymer '(2R,3aR,6R,7R,7aR)-2-[(2S)-2-amino-2-carboxyethyl]-6,7-dihydroxyhexahydro-2H-furo[3,2-b]pyran-2-carboxylic acid' 'C11 H17 N O8'
SO4 non-polymer 'SULFATE ION' 'O4 S -2'
#
# COMPACT_ATOMS: atom_id res chain seq x y z
N ALA A 1 8.90 31.67 -13.44
CA ALA A 1 8.28 30.72 -12.47
C ALA A 1 8.00 29.38 -13.13
N ASN A 2 7.99 28.33 -12.32
CA ASN A 2 7.65 26.99 -12.79
C ASN A 2 6.28 27.00 -13.48
N ARG A 3 6.13 26.23 -14.56
CA ARG A 3 4.87 26.17 -15.29
C ARG A 3 3.75 25.68 -14.36
N THR A 4 2.59 26.31 -14.47
CA THR A 4 1.43 25.85 -13.70
C THR A 4 1.04 24.46 -14.16
N LEU A 5 0.98 23.53 -13.22
CA LEU A 5 0.67 22.14 -13.57
C LEU A 5 -0.83 21.96 -13.81
N ILE A 6 -1.15 21.16 -14.82
CA ILE A 6 -2.54 20.85 -15.12
C ILE A 6 -2.88 19.55 -14.42
N VAL A 7 -3.91 19.62 -13.59
CA VAL A 7 -4.36 18.46 -12.83
C VAL A 7 -5.67 17.97 -13.41
N THR A 8 -5.68 16.72 -13.87
CA THR A 8 -6.94 16.09 -14.26
C THR A 8 -7.55 15.45 -13.03
N THR A 9 -8.87 15.58 -12.91
CA THR A 9 -9.57 14.99 -11.78
C THR A 9 -11.01 14.69 -12.19
N ILE A 10 -11.79 14.22 -11.22
CA ILE A 10 -13.15 13.78 -11.48
C ILE A 10 -13.96 14.02 -10.19
N LEU A 11 -15.25 14.30 -10.34
CA LEU A 11 -16.10 14.46 -9.18
C LEU A 11 -16.32 13.10 -8.51
N GLU A 12 -16.03 13.04 -7.21
CA GLU A 12 -16.23 11.82 -6.43
C GLU A 12 -16.17 12.18 -4.95
N GLU A 13 -17.28 12.03 -4.24
CA GLU A 13 -17.33 12.38 -2.81
C GLU A 13 -16.55 11.38 -1.96
N PRO A 14 -15.84 11.85 -0.92
CA PRO A 14 -15.54 13.22 -0.49
C PRO A 14 -14.16 13.68 -1.00
N TYR A 15 -13.70 13.10 -2.11
CA TYR A 15 -12.40 13.46 -2.69
C TYR A 15 -12.41 14.78 -3.44
N VAL A 16 -13.40 14.95 -4.32
CA VAL A 16 -13.49 16.12 -5.19
C VAL A 16 -14.99 16.41 -5.30
N MET A 17 -15.40 17.57 -4.80
CA MET A 17 -16.81 17.96 -4.74
C MET A 17 -16.93 19.43 -5.02
N TYR A 18 -18.08 19.86 -5.54
CA TYR A 18 -18.35 21.27 -5.65
C TYR A 18 -18.62 21.86 -4.26
N ARG A 19 -17.85 22.88 -3.91
CA ARG A 19 -18.05 23.65 -2.69
C ARG A 19 -19.42 24.34 -2.69
N LYS A 20 -20.10 24.31 -1.55
CA LYS A 20 -21.39 24.98 -1.40
C LYS A 20 -21.18 26.48 -1.31
N SER A 21 -22.01 27.23 -2.02
CA SER A 21 -21.85 28.68 -2.11
C SER A 21 -23.16 29.37 -2.45
N ASP A 22 -23.34 30.58 -1.92
CA ASP A 22 -24.49 31.41 -2.26
C ASP A 22 -24.22 32.26 -3.50
N LYS A 23 -23.00 32.16 -4.02
CA LYS A 23 -22.56 32.93 -5.18
C LYS A 23 -21.76 32.03 -6.12
N PRO A 24 -21.73 32.36 -7.42
CA PRO A 24 -20.96 31.56 -8.37
C PRO A 24 -19.47 31.53 -8.01
N LEU A 25 -18.87 30.35 -8.09
CA LEU A 25 -17.43 30.17 -7.87
C LEU A 25 -16.73 29.82 -9.18
N TYR A 26 -15.44 30.12 -9.25
CA TYR A 26 -14.65 29.92 -10.47
C TYR A 26 -13.26 29.32 -10.17
N GLY A 27 -12.67 28.68 -11.16
CA GLY A 27 -11.33 28.09 -11.03
C GLY A 27 -11.28 27.02 -9.96
N ASN A 28 -10.15 26.92 -9.27
CA ASN A 28 -9.95 25.88 -8.26
C ASN A 28 -10.88 26.04 -7.07
N ASP A 29 -11.36 27.27 -6.84
CA ASP A 29 -12.24 27.57 -5.72
CA ASP A 29 -12.23 27.57 -5.72
C ASP A 29 -13.60 26.87 -5.82
N ARG A 30 -13.91 26.36 -7.02
CA ARG A 30 -15.16 25.60 -7.19
C ARG A 30 -15.15 24.31 -6.38
N PHE A 31 -13.97 23.79 -6.08
CA PHE A 31 -13.82 22.42 -5.56
C PHE A 31 -13.33 22.37 -4.13
N GLU A 32 -13.71 21.30 -3.43
CA GLU A 32 -13.15 20.98 -2.12
C GLU A 32 -13.11 19.47 -1.96
N GLY A 33 -12.39 19.01 -0.95
CA GLY A 33 -12.39 17.59 -0.66
C GLY A 33 -11.01 17.09 -0.31
N TYR A 34 -10.94 15.79 0.00
CA TYR A 34 -9.68 15.16 0.39
C TYR A 34 -8.60 15.38 -0.66
N CYS A 35 -8.95 15.24 -1.93
CA CYS A 35 -7.95 15.35 -2.98
C CYS A 35 -7.50 16.80 -3.19
N LEU A 36 -8.39 17.75 -2.95
CA LEU A 36 -8.00 19.17 -3.00
C LEU A 36 -7.04 19.48 -1.86
N ASP A 37 -7.31 18.97 -0.66
CA ASP A 37 -6.38 19.15 0.45
C ASP A 37 -5.03 18.46 0.15
N LEU A 38 -5.09 17.27 -0.44
CA LEU A 38 -3.89 16.55 -0.83
C LEU A 38 -3.05 17.42 -1.78
N LEU A 39 -3.71 18.01 -2.78
CA LEU A 39 -3.02 18.92 -3.71
C LEU A 39 -2.38 20.14 -3.02
N LYS A 40 -3.06 20.70 -2.02
CA LYS A 40 -2.51 21.86 -1.30
C LYS A 40 -1.23 21.44 -0.58
N GLU A 41 -1.27 20.23 -0.02
CA GLU A 41 -0.10 19.70 0.70
C GLU A 41 1.05 19.35 -0.23
N LEU A 42 0.76 18.59 -1.29
CA LEU A 42 1.78 18.19 -2.26
C LEU A 42 2.43 19.38 -2.92
N SER A 43 1.61 20.35 -3.33
CA SER A 43 2.14 21.53 -4.01
C SER A 43 3.04 22.38 -3.10
N ASN A 44 2.72 22.44 -1.80
CA ASN A 44 3.63 23.10 -0.85
C ASN A 44 4.98 22.44 -0.78
N ILE A 45 4.98 21.10 -0.78
CA ILE A 45 6.23 20.34 -0.63
C ILE A 45 7.09 20.41 -1.89
N LEU A 46 6.43 20.44 -3.06
CA LEU A 46 7.09 20.37 -4.37
CA LEU A 46 7.13 20.38 -4.34
C LEU A 46 7.35 21.73 -5.01
N GLY A 47 6.64 22.76 -4.55
CA GLY A 47 6.85 24.12 -5.05
C GLY A 47 6.15 24.47 -6.34
N PHE A 48 4.88 24.09 -6.48
CA PHE A 48 4.12 24.45 -7.68
C PHE A 48 2.72 24.97 -7.36
N ILE A 49 2.14 25.70 -8.31
CA ILE A 49 0.70 25.92 -8.33
C ILE A 49 0.10 25.11 -9.47
N TYR A 50 -1.22 25.02 -9.51
CA TYR A 50 -1.89 24.06 -10.39
C TYR A 50 -3.29 24.51 -10.78
N ASP A 51 -3.76 23.97 -11.89
CA ASP A 51 -5.08 24.26 -12.45
C ASP A 51 -5.86 22.96 -12.45
N VAL A 52 -6.96 22.92 -11.69
CA VAL A 52 -7.79 21.72 -11.56
C VAL A 52 -8.81 21.64 -12.70
N LYS A 53 -8.73 20.57 -13.48
CA LYS A 53 -9.61 20.43 -14.65
C LYS A 53 -10.34 19.09 -14.66
N LEU A 54 -11.66 19.12 -14.57
CA LEU A 54 -12.45 17.91 -14.63
C LEU A 54 -12.27 17.20 -15.97
N VAL A 55 -12.07 15.89 -15.92
CA VAL A 55 -11.87 15.10 -17.12
C VAL A 55 -13.12 15.22 -18.04
N PRO A 56 -12.93 15.70 -19.28
CA PRO A 56 -14.10 15.94 -20.14
C PRO A 56 -15.08 14.79 -20.28
N ASP A 57 -14.59 13.56 -20.42
CA ASP A 57 -15.52 12.43 -20.61
C ASP A 57 -16.09 11.87 -19.31
N GLY A 58 -15.65 12.41 -18.17
CA GLY A 58 -16.18 11.98 -16.86
C GLY A 58 -15.84 10.55 -16.47
N LYS A 59 -14.76 10.00 -17.04
CA LYS A 59 -14.36 8.60 -16.74
C LYS A 59 -13.02 8.53 -16.06
N TYR A 60 -12.84 7.44 -15.32
CA TYR A 60 -11.54 7.17 -14.68
C TYR A 60 -10.56 6.65 -15.71
N GLY A 61 -10.92 5.56 -16.40
CA GLY A 61 -10.18 5.13 -17.58
C GLY A 61 -10.10 3.63 -17.72
N ALA A 62 -10.42 3.16 -18.92
CA ALA A 62 -10.30 1.77 -19.27
C ALA A 62 -9.90 1.68 -20.73
N GLN A 63 -9.36 0.53 -21.14
CA GLN A 63 -8.93 0.36 -22.50
C GLN A 63 -9.90 -0.55 -23.26
N ASN A 64 -10.15 -0.21 -24.53
CA ASN A 64 -10.93 -1.09 -25.39
C ASN A 64 -10.09 -2.19 -26.02
N ASP A 65 -10.69 -2.92 -26.97
CA ASP A 65 -10.08 -4.06 -27.65
C ASP A 65 -8.75 -3.75 -28.36
N LYS A 66 -8.64 -2.53 -28.89
CA LYS A 66 -7.42 -2.09 -29.58
C LYS A 66 -6.40 -1.50 -28.62
N GLY A 67 -6.76 -1.38 -27.35
CA GLY A 67 -5.87 -0.81 -26.35
C GLY A 67 -5.93 0.70 -26.33
N GLU A 68 -7.04 1.26 -26.80
CA GLU A 68 -7.31 2.70 -26.70
C GLU A 68 -7.91 2.99 -25.34
N TRP A 69 -7.31 3.95 -24.64
CA TRP A 69 -7.79 4.37 -23.34
C TRP A 69 -8.73 5.57 -23.41
N ASN A 70 -9.47 5.79 -22.33
CA ASN A 70 -10.30 6.98 -22.15
C ASN A 70 -10.07 7.54 -20.75
N GLY A 71 -10.86 8.53 -20.36
CA GLY A 71 -10.82 9.04 -19.00
C GLY A 71 -9.53 9.73 -18.60
N MET A 72 -9.29 9.81 -17.30
CA MET A 72 -8.09 10.45 -16.77
C MET A 72 -6.83 9.76 -17.26
N VAL A 73 -6.88 8.44 -17.42
CA VAL A 73 -5.72 7.70 -17.91
C VAL A 73 -5.31 8.20 -19.30
N LYS A 74 -6.29 8.36 -20.19
CA LYS A 74 -6.01 8.90 -21.52
C LYS A 74 -5.44 10.32 -21.44
N GLU A 75 -5.96 11.14 -20.52
CA GLU A 75 -5.44 12.51 -20.36
C GLU A 75 -3.94 12.49 -20.04
N LEU A 76 -3.52 11.53 -19.23
CA LEU A 76 -2.10 11.40 -18.92
C LEU A 76 -1.27 10.85 -20.08
N ILE A 77 -1.76 9.79 -20.72
CA ILE A 77 -1.06 9.18 -21.85
C ILE A 77 -0.82 10.23 -22.94
N ASP A 78 -1.83 11.04 -23.18
CA ASP A 78 -1.76 12.06 -24.21
C ASP A 78 -1.13 13.38 -23.75
N HIS A 79 -0.59 13.40 -22.53
CA HIS A 79 0.05 14.61 -22.00
C HIS A 79 -0.86 15.83 -22.07
N ARG A 80 -2.14 15.63 -21.75
CA ARG A 80 -3.09 16.74 -21.63
C ARG A 80 -3.03 17.30 -20.21
N ALA A 81 -2.57 16.48 -19.26
CA ALA A 81 -2.43 16.87 -17.87
C ALA A 81 -1.08 16.41 -17.37
N ASP A 82 -0.58 17.12 -16.35
CA ASP A 82 0.67 16.76 -15.68
C ASP A 82 0.46 15.73 -14.57
N LEU A 83 -0.66 15.83 -13.85
CA LEU A 83 -0.98 14.95 -12.73
C LEU A 83 -2.45 14.59 -12.80
N ALA A 84 -2.80 13.38 -12.35
CA ALA A 84 -4.19 13.02 -12.04
C ALA A 84 -4.26 12.85 -10.54
N VAL A 85 -5.04 13.70 -9.88
CA VAL A 85 -5.23 13.63 -8.42
C VAL A 85 -6.69 13.38 -8.16
N ALA A 86 -6.97 12.16 -7.72
CA ALA A 86 -8.31 11.58 -7.67
C ALA A 86 -8.19 10.25 -6.94
N PRO A 87 -9.33 9.62 -6.60
CA PRO A 87 -9.29 8.24 -6.13
C PRO A 87 -9.03 7.31 -7.31
N LEU A 88 -7.78 7.34 -7.78
CA LEU A 88 -7.36 6.67 -9.00
C LEU A 88 -6.62 5.41 -8.60
N THR A 89 -7.23 4.26 -8.90
CA THR A 89 -6.74 2.98 -8.45
C THR A 89 -5.49 2.52 -9.20
N ILE A 90 -4.48 2.14 -8.43
CA ILE A 90 -3.21 1.63 -8.97
C ILE A 90 -3.40 0.19 -9.41
N THR A 91 -3.32 -0.04 -10.72
CA THR A 91 -3.51 -1.38 -11.28
C THR A 91 -2.40 -1.74 -12.25
N TYR A 92 -2.20 -3.03 -12.43
CA TYR A 92 -1.24 -3.58 -13.37
C TYR A 92 -1.42 -3.00 -14.77
N VAL A 93 -2.65 -3.04 -15.29
CA VAL A 93 -2.85 -2.61 -16.67
C VAL A 93 -2.58 -1.10 -16.84
N ARG A 94 -2.89 -0.32 -15.81
CA ARG A 94 -2.62 1.10 -15.86
C ARG A 94 -1.15 1.43 -15.67
N GLU A 95 -0.49 0.69 -14.76
CA GLU A 95 0.91 0.97 -14.48
C GLU A 95 1.80 0.77 -15.71
N LYS A 96 1.34 -0.05 -16.64
CA LYS A 96 2.07 -0.26 -17.90
C LYS A 96 2.04 0.96 -18.81
N VAL A 97 1.05 1.83 -18.62
CA VAL A 97 0.87 2.96 -19.54
C VAL A 97 1.01 4.35 -18.94
N ILE A 98 0.95 4.45 -17.60
CA ILE A 98 1.23 5.71 -16.90
C ILE A 98 2.20 5.43 -15.75
N ASP A 99 2.72 6.47 -15.11
CA ASP A 99 3.52 6.29 -13.90
C ASP A 99 2.73 6.71 -12.67
N PHE A 100 2.41 5.77 -11.80
CA PHE A 100 1.75 6.09 -10.53
C PHE A 100 2.73 6.42 -9.42
N SER A 101 2.37 7.38 -8.56
CA SER A 101 3.04 7.55 -7.27
C SER A 101 2.78 6.34 -6.38
N LYS A 102 3.52 6.24 -5.29
CA LYS A 102 3.13 5.31 -4.24
C LYS A 102 1.75 5.63 -3.67
N PRO A 103 1.08 4.63 -3.08
CA PRO A 103 -0.29 4.82 -2.65
C PRO A 103 -0.45 5.78 -1.47
N PHE A 104 -1.53 6.57 -1.52
CA PHE A 104 -1.90 7.43 -0.40
C PHE A 104 -3.09 6.91 0.40
N MET A 105 -3.70 5.81 -0.06
CA MET A 105 -4.85 5.22 0.61
C MET A 105 -4.98 3.80 0.09
N THR A 106 -5.48 2.91 0.92
CA THR A 106 -5.79 1.55 0.47
C THR A 106 -7.28 1.26 0.65
N LEU A 107 -7.76 0.27 -0.10
CA LEU A 107 -9.17 -0.04 -0.22
C LEU A 107 -9.33 -1.38 -0.90
N GLY A 108 -10.55 -1.89 -0.94
CA GLY A 108 -10.87 -3.06 -1.76
C GLY A 108 -12.29 -2.96 -2.26
N ILE A 109 -12.56 -3.67 -3.34
CA ILE A 109 -13.93 -3.77 -3.88
C ILE A 109 -14.84 -4.51 -2.91
N SER A 110 -16.05 -3.96 -2.74
CA SER A 110 -17.08 -4.67 -2.00
C SER A 110 -18.44 -4.36 -2.64
N ILE A 111 -19.54 -4.69 -1.96
CA ILE A 111 -20.88 -4.55 -2.53
C ILE A 111 -21.68 -3.54 -1.72
N LEU A 112 -22.33 -2.59 -2.40
CA LEU A 112 -23.28 -1.66 -1.80
C LEU A 112 -24.68 -2.09 -2.17
N TYR A 113 -25.54 -2.26 -1.17
CA TYR A 113 -26.95 -2.53 -1.44
C TYR A 113 -27.85 -1.90 -0.38
N ARG A 114 -29.16 -2.07 -0.53
CA ARG A 114 -30.10 -1.74 0.54
C ARG A 114 -30.15 -2.85 1.59
N LYS A 115 -30.81 -2.56 2.69
CA LYS A 115 -30.89 -3.53 3.78
C LYS A 115 -32.00 -4.57 3.58
N GLY A 116 -31.92 -5.67 4.31
CA GLY A 116 -33.04 -6.62 4.37
C GLY A 116 -33.02 -7.88 3.52
N THR A 117 -31.97 -8.08 2.72
CA THR A 117 -31.90 -9.30 1.90
C THR A 117 -30.98 -10.36 2.52
N PRO A 118 -31.14 -11.62 2.11
CA PRO A 118 -30.25 -12.67 2.58
C PRO A 118 -28.90 -12.69 1.87
N ILE A 119 -28.69 -11.79 0.90
CA ILE A 119 -27.42 -11.77 0.19
C ILE A 119 -26.31 -11.35 1.14
N ASP A 120 -25.30 -12.22 1.28
CA ASP A 120 -24.21 -12.01 2.24
C ASP A 120 -22.81 -12.00 1.60
N SER A 121 -22.74 -12.17 0.29
CA SER A 121 -21.47 -12.30 -0.42
C SER A 121 -21.62 -12.15 -1.92
N ALA A 122 -20.48 -12.01 -2.61
CA ALA A 122 -20.47 -12.00 -4.06
C ALA A 122 -21.02 -13.30 -4.63
N ASP A 123 -20.63 -14.43 -4.04
CA ASP A 123 -21.19 -15.73 -4.41
C ASP A 123 -22.71 -15.73 -4.41
N ASP A 124 -23.30 -15.23 -3.32
CA ASP A 124 -24.75 -15.15 -3.18
C ASP A 124 -25.34 -14.24 -4.26
N LEU A 125 -24.70 -13.10 -4.46
CA LEU A 125 -25.17 -12.13 -5.45
C LEU A 125 -25.16 -12.70 -6.87
N ALA A 126 -24.08 -13.38 -7.22
CA ALA A 126 -23.93 -13.97 -8.56
C ALA A 126 -24.92 -15.09 -8.81
N LYS A 127 -25.28 -15.82 -7.76
CA LYS A 127 -26.13 -17.00 -7.87
C LYS A 127 -27.61 -16.64 -8.03
N GLN A 128 -28.06 -15.65 -7.26
CA GLN A 128 -29.45 -15.27 -7.25
C GLN A 128 -29.85 -14.55 -8.55
N THR A 129 -31.15 -14.51 -8.81
CA THR A 129 -31.68 -13.95 -10.05
C THR A 129 -32.74 -12.87 -9.80
N LYS A 130 -32.77 -12.33 -8.58
CA LYS A 130 -33.78 -11.33 -8.21
C LYS A 130 -33.27 -9.90 -8.39
N ILE A 131 -32.03 -9.65 -7.99
CA ILE A 131 -31.38 -8.32 -7.98
CA ILE A 131 -31.50 -8.30 -8.11
C ILE A 131 -30.37 -8.19 -9.13
N GLU A 132 -30.36 -7.06 -9.84
CA GLU A 132 -29.36 -6.75 -10.87
C GLU A 132 -28.11 -6.24 -10.11
N TYR A 133 -26.98 -6.19 -10.78
CA TYR A 133 -25.77 -5.63 -10.17
C TYR A 133 -24.81 -5.18 -11.26
N GLY A 134 -23.82 -4.37 -10.87
CA GLY A 134 -22.87 -3.87 -11.84
C GLY A 134 -21.83 -2.96 -11.20
N ALA A 135 -21.27 -2.08 -12.00
CA ALA A 135 -20.14 -1.25 -11.59
C ALA A 135 -20.16 0.01 -12.42
N VAL A 136 -19.37 1.01 -12.02
CA VAL A 136 -19.21 2.21 -12.82
C VAL A 136 -18.48 1.86 -14.12
N ARG A 137 -19.02 2.33 -15.24
CA ARG A 137 -18.41 2.04 -16.54
C ARG A 137 -17.03 2.66 -16.66
N ASP A 138 -16.08 1.85 -17.12
CA ASP A 138 -14.72 2.29 -17.46
C ASP A 138 -13.88 2.75 -16.28
N GLY A 139 -14.13 2.13 -15.12
CA GLY A 139 -13.22 2.25 -13.98
C GLY A 139 -12.59 0.91 -13.66
N SER A 140 -11.80 0.92 -12.59
CA SER A 140 -11.03 -0.24 -12.19
C SER A 140 -11.88 -1.38 -11.64
N THR A 141 -13.03 -1.07 -11.07
CA THR A 141 -13.92 -2.14 -10.59
C THR A 141 -14.45 -2.93 -11.78
N MET A 142 -14.92 -2.22 -12.81
CA MET A 142 -15.36 -2.87 -14.06
C MET A 142 -14.23 -3.72 -14.62
N THR A 143 -13.04 -3.15 -14.68
CA THR A 143 -11.89 -3.87 -15.23
C THR A 143 -11.51 -5.10 -14.40
N PHE A 144 -11.67 -5.02 -13.06
CA PHE A 144 -11.41 -6.17 -12.22
C PHE A 144 -12.27 -7.34 -12.67
N PHE A 145 -13.55 -7.08 -12.89
CA PHE A 145 -14.44 -8.15 -13.32
C PHE A 145 -14.13 -8.63 -14.72
N LYS A 146 -13.84 -7.68 -15.61
CA LYS A 146 -13.54 -8.01 -17.01
C LYS A 146 -12.34 -8.93 -17.14
N LYS A 147 -11.36 -8.75 -16.25
CA LYS A 147 -10.09 -9.46 -16.31
C LYS A 147 -10.06 -10.71 -15.42
N SER A 148 -11.05 -10.89 -14.55
CA SER A 148 -10.97 -11.96 -13.56
C SER A 148 -10.95 -13.36 -14.18
N LYS A 149 -10.17 -14.23 -13.57
CA LYS A 149 -10.15 -15.66 -13.91
C LYS A 149 -10.79 -16.50 -12.80
N ILE A 150 -11.39 -15.81 -11.83
CA ILE A 150 -12.12 -16.48 -10.74
CA ILE A 150 -12.12 -16.47 -10.74
C ILE A 150 -13.54 -16.72 -11.22
N SER A 151 -14.00 -17.97 -11.14
CA SER A 151 -15.30 -18.35 -11.73
C SER A 151 -16.47 -17.45 -11.36
N THR A 152 -16.67 -17.20 -10.06
CA THR A 152 -17.76 -16.33 -9.61
C THR A 152 -17.70 -14.96 -10.30
N TYR A 153 -16.50 -14.41 -10.38
CA TYR A 153 -16.31 -13.07 -10.92
C TYR A 153 -16.41 -13.06 -12.44
N GLU A 154 -16.02 -14.15 -13.09
CA GLU A 154 -16.20 -14.31 -14.54
CA GLU A 154 -16.21 -14.32 -14.54
C GLU A 154 -17.69 -14.32 -14.89
N LYS A 155 -18.49 -15.02 -14.09
CA LYS A 155 -19.93 -15.05 -14.26
C LYS A 155 -20.51 -13.65 -14.06
N MET A 156 -20.07 -12.98 -13.02
CA MET A 156 -20.52 -11.61 -12.76
C MET A 156 -20.19 -10.68 -13.92
N TRP A 157 -18.99 -10.79 -14.47
CA TRP A 157 -18.65 -10.00 -15.65
C TRP A 157 -19.57 -10.33 -16.85
N ALA A 158 -19.81 -11.61 -17.10
CA ALA A 158 -20.69 -11.97 -18.21
C ALA A 158 -22.08 -11.37 -18.01
N PHE A 159 -22.55 -11.39 -16.76
CA PHE A 159 -23.84 -10.79 -16.43
C PHE A 159 -23.86 -9.28 -16.71
N MET A 160 -22.88 -8.57 -16.17
CA MET A 160 -22.79 -7.11 -16.37
C MET A 160 -22.72 -6.77 -17.85
N SER A 161 -21.90 -7.52 -18.57
CA SER A 161 -21.71 -7.30 -20.00
CA SER A 161 -21.71 -7.27 -19.99
C SER A 161 -23.02 -7.47 -20.75
N SER A 162 -23.73 -8.54 -20.42
CA SER A 162 -24.99 -8.85 -21.11
C SER A 162 -26.10 -7.84 -20.86
N ARG A 163 -25.95 -7.04 -19.80
CA ARG A 163 -26.95 -6.03 -19.41
C ARG A 163 -26.28 -4.65 -19.34
N GLN A 164 -25.25 -4.44 -20.15
CA GLN A 164 -24.33 -3.30 -19.99
C GLN A 164 -25.05 -1.94 -19.92
N GLN A 165 -26.11 -1.81 -20.71
CA GLN A 165 -26.82 -0.53 -20.81
C GLN A 165 -27.29 -0.01 -19.46
N THR A 166 -27.60 -0.93 -18.55
CA THR A 166 -28.09 -0.57 -17.23
C THR A 166 -27.14 -1.03 -16.13
N ALA A 167 -26.47 -2.17 -16.34
CA ALA A 167 -25.59 -2.73 -15.29
C ALA A 167 -24.36 -1.86 -15.08
N LEU A 168 -23.82 -1.33 -16.17
CA LEU A 168 -22.66 -0.45 -16.08
C LEU A 168 -23.15 0.98 -16.05
N VAL A 169 -22.92 1.65 -14.92
CA VAL A 169 -23.50 2.97 -14.68
C VAL A 169 -22.49 4.08 -15.00
N ARG A 170 -23.00 5.26 -15.31
CA ARG A 170 -22.15 6.35 -15.78
C ARG A 170 -21.10 6.77 -14.76
N ASN A 171 -21.53 6.81 -13.51
CA ASN A 171 -20.69 7.30 -12.41
C ASN A 171 -21.29 6.83 -11.10
N SER A 172 -20.60 7.07 -9.99
CA SER A 172 -21.09 6.55 -8.71
C SER A 172 -22.41 7.17 -8.27
N ASP A 173 -22.67 8.43 -8.63
CA ASP A 173 -23.95 9.06 -8.30
CA ASP A 173 -23.95 9.06 -8.31
C ASP A 173 -25.13 8.30 -8.92
N GLU A 174 -25.02 7.97 -10.20
CA GLU A 174 -26.07 7.22 -10.88
C GLU A 174 -26.14 5.82 -10.27
N GLY A 175 -24.99 5.26 -9.94
CA GLY A 175 -24.94 3.93 -9.30
C GLY A 175 -25.68 3.90 -7.98
N ILE A 176 -25.42 4.87 -7.12
CA ILE A 176 -26.09 4.94 -5.82
C ILE A 176 -27.60 5.17 -5.98
N GLN A 177 -27.97 6.07 -6.89
CA GLN A 177 -29.39 6.28 -7.15
C GLN A 177 -30.07 5.00 -7.62
N ARG A 178 -29.35 4.22 -8.43
CA ARG A 178 -29.90 2.96 -8.94
C ARG A 178 -30.13 1.97 -7.80
N VAL A 179 -29.19 1.93 -6.85
CA VAL A 179 -29.34 1.09 -5.65
C VAL A 179 -30.58 1.50 -4.86
N LEU A 180 -30.76 2.81 -4.69
CA LEU A 180 -31.84 3.33 -3.86
C LEU A 180 -33.22 3.14 -4.49
N THR A 181 -33.29 3.21 -5.82
CA THR A 181 -34.56 3.28 -6.55
C THR A 181 -34.99 1.99 -7.26
N THR A 182 -34.05 1.06 -7.49
CA THR A 182 -34.35 -0.20 -8.20
C THR A 182 -33.64 -1.35 -7.48
N ASP A 183 -33.95 -2.59 -7.87
CA ASP A 183 -33.31 -3.76 -7.27
C ASP A 183 -31.96 -4.01 -7.92
N TYR A 184 -30.97 -3.25 -7.46
CA TYR A 184 -29.64 -3.21 -8.06
C TYR A 184 -28.60 -3.04 -6.95
N ALA A 185 -27.55 -3.87 -7.00
CA ALA A 185 -26.38 -3.74 -6.09
C ALA A 185 -25.19 -3.20 -6.87
N LEU A 186 -24.44 -2.28 -6.24
CA LEU A 186 -23.29 -1.67 -6.88
C LEU A 186 -21.98 -2.22 -6.33
N LEU A 187 -21.13 -2.72 -7.23
CA LEU A 187 -19.77 -3.10 -6.85
C LEU A 187 -18.96 -1.81 -6.75
N MET A 188 -18.36 -1.57 -5.59
CA MET A 188 -17.88 -0.22 -5.21
C MET A 188 -16.69 -0.39 -4.29
N GLU A 189 -15.77 0.57 -4.33
CA GLU A 189 -14.63 0.54 -3.42
C GLU A 189 -15.00 0.86 -1.98
N SER A 190 -14.37 0.12 -1.06
CA SER A 190 -14.76 0.12 0.33
C SER A 190 -14.72 1.48 1.01
N THR A 191 -13.79 2.33 0.60
CA THR A 191 -13.66 3.67 1.18
C THR A 191 -14.91 4.52 0.85
N SER A 192 -15.46 4.34 -0.35
CA SER A 192 -16.70 5.01 -0.68
C SER A 192 -17.90 4.38 0.02
N ILE A 193 -17.90 3.05 0.15
CA ILE A 193 -18.99 2.40 0.89
C ILE A 193 -19.01 2.92 2.33
N GLU A 194 -17.82 3.01 2.93
CA GLU A 194 -17.70 3.53 4.31
C GLU A 194 -18.29 4.95 4.43
N TYR A 195 -18.02 5.78 3.44
CA TYR A 195 -18.51 7.16 3.43
C TYR A 195 -20.03 7.21 3.29
N VAL A 196 -20.57 6.51 2.29
CA VAL A 196 -22.01 6.59 2.05
C VAL A 196 -22.86 5.94 3.14
N THR A 197 -22.37 4.84 3.70
CA THR A 197 -23.18 4.08 4.68
C THR A 197 -23.21 4.77 6.04
N GLN A 198 -22.32 5.74 6.27
CA GLN A 198 -22.41 6.51 7.49
C GLN A 198 -23.26 7.77 7.31
N ARG A 199 -23.80 7.94 6.10
CA ARG A 199 -24.60 9.11 5.74
C ARG A 199 -26.03 8.79 5.33
N ASN A 200 -26.20 7.65 4.65
CA ASN A 200 -27.50 7.17 4.25
C ASN A 200 -27.72 5.83 4.94
N CYS A 201 -28.59 5.81 5.95
CA CYS A 201 -28.76 4.61 6.75
C CYS A 201 -29.63 3.55 6.09
N ASN A 202 -30.09 3.81 4.87
CA ASN A 202 -30.78 2.78 4.10
C ASN A 202 -29.83 1.90 3.31
N LEU A 203 -28.56 2.30 3.28
CA LEU A 203 -27.53 1.60 2.51
C LEU A 203 -26.62 0.79 3.43
N THR A 204 -26.04 -0.27 2.89
CA THR A 204 -25.17 -1.15 3.68
C THR A 204 -24.16 -1.84 2.78
N GLN A 205 -23.02 -2.19 3.34
CA GLN A 205 -22.06 -3.08 2.67
C GLN A 205 -22.57 -4.52 2.76
N ILE A 206 -22.35 -5.29 1.71
CA ILE A 206 -22.65 -6.72 1.69
C ILE A 206 -21.33 -7.48 1.52
N GLY A 207 -21.05 -8.38 2.47
CA GLY A 207 -19.83 -9.16 2.43
C GLY A 207 -18.61 -8.36 2.81
N GLY A 208 -17.44 -8.96 2.58
CA GLY A 208 -16.19 -8.30 2.88
C GLY A 208 -15.54 -7.71 1.65
N LEU A 209 -14.24 -7.49 1.73
CA LEU A 209 -13.50 -6.95 0.59
C LEU A 209 -13.04 -8.11 -0.30
N ILE A 210 -13.21 -7.95 -1.60
CA ILE A 210 -12.84 -9.02 -2.54
C ILE A 210 -11.43 -8.87 -3.14
N ASP A 211 -10.81 -7.71 -2.92
CA ASP A 211 -9.41 -7.52 -3.28
C ASP A 211 -8.82 -6.44 -2.36
N SER A 212 -7.55 -6.11 -2.58
CA SER A 212 -6.89 -5.06 -1.83
C SER A 212 -5.90 -4.36 -2.74
N LYS A 213 -5.90 -3.04 -2.68
CA LYS A 213 -5.11 -2.21 -3.61
C LYS A 213 -5.08 -0.78 -3.10
N GLY A 214 -4.44 0.09 -3.87
CA GLY A 214 -4.25 1.48 -3.42
C GLY A 214 -4.63 2.52 -4.45
N TYR A 215 -4.84 3.75 -3.97
CA TYR A 215 -4.95 4.94 -4.85
C TYR A 215 -3.59 5.62 -4.93
N GLY A 216 -3.25 6.08 -6.13
CA GLY A 216 -2.03 6.84 -6.32
C GLY A 216 -2.27 8.04 -7.20
N VAL A 217 -1.37 9.00 -7.15
CA VAL A 217 -1.35 10.11 -8.09
C VAL A 217 -0.80 9.60 -9.43
N GLY A 218 -1.52 9.85 -10.52
CA GLY A 218 -1.04 9.44 -11.85
C GLY A 218 -0.24 10.52 -12.53
N THR A 219 0.78 10.12 -13.28
CA THR A 219 1.55 11.05 -14.12
C THR A 219 1.82 10.34 -15.44
N PRO A 220 2.11 11.10 -16.51
CA PRO A 220 2.49 10.42 -17.74
C PRO A 220 3.79 9.65 -17.55
N ILE A 221 3.97 8.55 -18.30
CA ILE A 221 5.21 7.77 -18.21
C ILE A 221 6.40 8.69 -18.44
N GLY A 222 7.42 8.56 -17.59
CA GLY A 222 8.61 9.40 -17.69
C GLY A 222 8.50 10.76 -17.04
N SER A 223 7.38 11.04 -16.39
CA SER A 223 7.20 12.33 -15.74
C SER A 223 8.30 12.62 -14.74
N PRO A 224 8.84 13.84 -14.78
CA PRO A 224 9.83 14.29 -13.81
C PRO A 224 9.22 14.61 -12.45
N TYR A 225 7.89 14.51 -12.33
CA TYR A 225 7.20 14.77 -11.06
C TYR A 225 6.84 13.54 -10.23
N ARG A 226 6.77 12.36 -10.85
CA ARG A 226 6.25 11.18 -10.16
C ARG A 226 7.07 10.85 -8.91
N ASP A 227 8.39 10.83 -9.06
CA ASP A 227 9.25 10.48 -7.93
C ASP A 227 9.19 11.52 -6.81
N LYS A 228 9.10 12.81 -7.17
CA LYS A 228 8.92 13.85 -6.16
C LYS A 228 7.56 13.74 -5.46
N ILE A 229 6.53 13.39 -6.21
CA ILE A 229 5.20 13.17 -5.64
C ILE A 229 5.22 11.98 -4.68
N THR A 230 5.89 10.90 -5.07
CA THR A 230 6.02 9.75 -4.18
C THR A 230 6.69 10.13 -2.88
N ILE A 231 7.77 10.91 -2.97
CA ILE A 231 8.51 11.30 -1.77
C ILE A 231 7.62 12.15 -0.88
N ALA A 232 6.88 13.07 -1.49
CA ALA A 232 5.93 13.91 -0.76
C ALA A 232 4.81 13.10 -0.08
N ILE A 233 4.29 12.09 -0.79
CA ILE A 233 3.26 11.22 -0.21
C ILE A 233 3.79 10.47 1.02
N LEU A 234 5.01 9.97 0.93
CA LEU A 234 5.63 9.28 2.06
C LEU A 234 5.82 10.22 3.25
N GLN A 235 6.23 11.45 2.99
CA GLN A 235 6.32 12.48 4.02
C GLN A 235 4.96 12.68 4.71
N LEU A 236 3.92 12.88 3.91
CA LEU A 236 2.59 13.09 4.47
C LEU A 236 2.08 11.87 5.25
N GLN A 237 2.40 10.68 4.74
CA GLN A 237 2.08 9.41 5.38
C GLN A 237 2.71 9.37 6.77
N GLU A 238 4.04 9.57 6.79
CA GLU A 238 4.81 9.43 8.01
C GLU A 238 4.47 10.49 9.04
N GLU A 239 4.11 11.68 8.57
CA GLU A 239 3.75 12.79 9.45
C GLU A 239 2.31 12.66 9.96
N GLY A 240 1.59 11.65 9.49
CA GLY A 240 0.20 11.43 9.91
C GLY A 240 -0.82 12.34 9.23
N LYS A 241 -0.37 13.13 8.27
CA LYS A 241 -1.25 14.06 7.56
C LYS A 241 -2.32 13.38 6.72
N LEU A 242 -1.96 12.28 6.06
CA LEU A 242 -2.95 11.53 5.27
C LEU A 242 -4.05 10.99 6.16
N HIS A 243 -3.67 10.49 7.33
CA HIS A 243 -4.63 9.97 8.29
C HIS A 243 -5.57 11.10 8.75
N MET A 244 -5.00 12.26 9.05
CA MET A 244 -5.76 13.44 9.47
C MET A 244 -6.74 13.88 8.39
N MET A 245 -6.28 13.85 7.15
CA MET A 245 -7.14 14.24 6.03
C MET A 245 -8.30 13.26 5.84
N LYS A 246 -8.04 11.97 6.01
CA LYS A 246 -9.11 10.97 5.96
C LYS A 246 -10.14 11.24 7.05
N GLU A 247 -9.68 11.45 8.28
CA GLU A 247 -10.58 11.76 9.39
C GLU A 247 -11.42 13.02 9.12
N LYS A 248 -10.80 14.02 8.51
CA LYS A 248 -11.48 15.29 8.22
C LYS A 248 -12.65 15.10 7.25
N TRP A 249 -12.44 14.28 6.22
CA TRP A 249 -13.41 14.18 5.14
C TRP A 249 -14.41 13.05 5.29
N TRP A 250 -14.08 12.03 6.09
CA TRP A 250 -15.02 10.95 6.37
C TRP A 250 -15.78 11.31 7.64
N ARG A 251 -17.10 11.37 7.50
CA ARG A 251 -17.97 12.03 8.48
C ARG A 251 -18.01 11.35 9.86
N GLY A 252 -17.67 10.06 9.88
CA GLY A 252 -17.75 9.28 11.11
C GLY A 252 -19.19 8.90 11.41
N ASN A 253 -19.34 7.93 12.31
CA ASN A 253 -20.60 7.23 12.57
C ASN A 253 -21.91 8.04 12.61
N GLY A 254 -22.70 7.92 11.54
CA GLY A 254 -24.02 8.53 11.46
C GLY A 254 -25.16 7.53 11.46
N CYS A 255 -24.83 6.24 11.39
CA CYS A 255 -25.83 5.17 11.25
C CYS A 255 -25.57 3.99 12.19
N PRO A 256 -26.63 3.30 12.62
CA PRO A 256 -26.43 2.08 13.41
C PRO A 256 -25.75 0.97 12.61
N ALA B 1 23.25 -13.11 -23.40
CA ALA B 1 22.31 -13.13 -22.24
C ALA B 1 22.57 -11.95 -21.30
N ASN B 2 21.50 -11.40 -20.76
CA ASN B 2 21.60 -10.29 -19.81
C ASN B 2 22.49 -10.67 -18.62
N ARG B 3 23.22 -9.71 -18.07
CA ARG B 3 24.08 -9.95 -16.92
C ARG B 3 23.21 -10.40 -15.76
N THR B 4 23.65 -11.47 -15.11
CA THR B 4 22.98 -11.97 -13.91
C THR B 4 22.87 -10.85 -12.89
N LEU B 5 21.66 -10.64 -12.39
CA LEU B 5 21.44 -9.55 -11.44
C LEU B 5 21.93 -9.93 -10.04
N ILE B 6 22.57 -8.97 -9.38
CA ILE B 6 23.04 -9.17 -8.02
C ILE B 6 21.95 -8.69 -7.08
N VAL B 7 21.53 -9.61 -6.21
CA VAL B 7 20.48 -9.29 -5.23
C VAL B 7 21.10 -9.20 -3.86
N THR B 8 20.98 -8.03 -3.25
CA THR B 8 21.34 -7.90 -1.84
C THR B 8 20.15 -8.28 -0.98
N THR B 9 20.41 -9.01 0.09
CA THR B 9 19.36 -9.39 1.02
C THR B 9 19.95 -9.61 2.41
N ILE B 10 19.10 -10.08 3.31
CA ILE B 10 19.50 -10.21 4.72
C ILE B 10 18.69 -11.36 5.31
N LEU B 11 19.27 -12.05 6.29
CA LEU B 11 18.53 -13.14 6.95
C LEU B 11 17.43 -12.55 7.84
N GLU B 12 16.21 -13.02 7.64
CA GLU B 12 15.07 -12.57 8.42
C GLU B 12 13.94 -13.57 8.22
N GLU B 13 13.52 -14.24 9.30
CA GLU B 13 12.47 -15.25 9.19
C GLU B 13 11.10 -14.58 9.01
N PRO B 14 10.23 -15.13 8.15
CA PRO B 14 10.36 -16.26 7.21
C PRO B 14 10.62 -15.77 5.78
N TYR B 15 11.26 -14.60 5.65
CA TYR B 15 11.53 -14.00 4.34
C TYR B 15 12.74 -14.63 3.67
N VAL B 16 13.83 -14.77 4.44
CA VAL B 16 15.10 -15.26 3.93
C VAL B 16 15.73 -16.07 5.06
N MET B 17 15.89 -17.37 4.82
CA MET B 17 16.36 -18.32 5.84
C MET B 17 17.26 -19.34 5.19
N TYR B 18 18.16 -19.93 5.96
CA TYR B 18 18.95 -21.05 5.46
C TYR B 18 18.07 -22.29 5.34
N ARG B 19 18.10 -22.90 4.16
CA ARG B 19 17.45 -24.18 3.94
C ARG B 19 18.18 -25.27 4.70
N LYS B 20 17.41 -26.18 5.31
CA LYS B 20 17.96 -27.32 6.04
C LYS B 20 18.08 -28.49 5.08
N SER B 21 19.30 -29.01 4.93
CA SER B 21 19.55 -30.17 4.08
C SER B 21 20.64 -31.05 4.67
N ASP B 22 20.56 -32.35 4.37
CA ASP B 22 21.60 -33.30 4.77
C ASP B 22 22.72 -33.40 3.75
N LYS B 23 22.55 -32.68 2.63
CA LYS B 23 23.51 -32.66 1.53
C LYS B 23 23.94 -31.22 1.23
N PRO B 24 25.09 -31.04 0.56
CA PRO B 24 25.55 -29.67 0.28
C PRO B 24 24.60 -28.86 -0.60
N LEU B 25 24.48 -27.58 -0.26
CA LEU B 25 23.70 -26.61 -1.02
C LEU B 25 24.62 -25.46 -1.39
N TYR B 26 24.53 -25.00 -2.64
CA TYR B 26 25.38 -23.92 -3.10
C TYR B 26 24.58 -22.78 -3.69
N GLY B 27 25.18 -21.60 -3.67
CA GLY B 27 24.56 -20.44 -4.29
C GLY B 27 23.19 -20.19 -3.71
N ASN B 28 22.24 -19.88 -4.59
CA ASN B 28 20.90 -19.50 -4.15
C ASN B 28 20.16 -20.62 -3.42
N ASP B 29 20.56 -21.85 -3.67
CA ASP B 29 19.90 -23.01 -3.07
C ASP B 29 20.07 -23.08 -1.56
N ARG B 30 21.04 -22.34 -1.03
CA ARG B 30 21.23 -22.24 0.41
C ARG B 30 20.07 -21.53 1.11
N PHE B 31 19.27 -20.79 0.35
CA PHE B 31 18.25 -19.91 0.94
C PHE B 31 16.85 -20.31 0.56
N GLU B 32 15.91 -20.05 1.48
CA GLU B 32 14.50 -20.19 1.17
C GLU B 32 13.69 -19.17 1.94
N GLY B 33 12.42 -19.01 1.56
CA GLY B 33 11.56 -18.12 2.30
C GLY B 33 10.70 -17.29 1.38
N TYR B 34 9.84 -16.46 1.97
CA TYR B 34 8.94 -15.61 1.17
C TYR B 34 9.65 -14.80 0.08
N CYS B 35 10.78 -14.20 0.44
CA CYS B 35 11.50 -13.35 -0.51
C CYS B 35 12.19 -14.16 -1.60
N LEU B 36 12.59 -15.40 -1.31
CA LEU B 36 13.12 -16.25 -2.37
C LEU B 36 12.01 -16.66 -3.35
N ASP B 37 10.83 -16.98 -2.83
CA ASP B 37 9.70 -17.25 -3.71
C ASP B 37 9.34 -16.01 -4.52
N LEU B 38 9.36 -14.84 -3.88
CA LEU B 38 9.11 -13.61 -4.61
C LEU B 38 10.10 -13.43 -5.77
N LEU B 39 11.39 -13.69 -5.51
CA LEU B 39 12.39 -13.60 -6.57
C LEU B 39 12.15 -14.58 -7.72
N LYS B 40 11.70 -15.80 -7.41
CA LYS B 40 11.43 -16.78 -8.45
C LYS B 40 10.31 -16.28 -9.35
N GLU B 41 9.29 -15.66 -8.75
CA GLU B 41 8.17 -15.11 -9.51
C GLU B 41 8.59 -13.88 -10.32
N LEU B 42 9.29 -12.94 -9.69
CA LEU B 42 9.68 -11.70 -10.37
C LEU B 42 10.62 -11.98 -11.53
N SER B 43 11.57 -12.88 -11.31
CA SER B 43 12.54 -13.24 -12.34
C SER B 43 11.90 -13.91 -13.55
N ASN B 44 10.89 -14.75 -13.30
CA ASN B 44 10.11 -15.33 -14.39
C ASN B 44 9.43 -14.26 -15.24
N ILE B 45 8.84 -13.27 -14.57
CA ILE B 45 8.10 -12.23 -15.27
C ILE B 45 9.01 -11.26 -16.02
N LEU B 46 10.19 -10.95 -15.45
CA LEU B 46 11.14 -9.98 -16.02
C LEU B 46 12.20 -10.60 -16.94
N GLY B 47 12.42 -11.90 -16.81
CA GLY B 47 13.36 -12.60 -17.69
C GLY B 47 14.82 -12.53 -17.28
N PHE B 48 15.11 -12.75 -15.99
CA PHE B 48 16.48 -12.73 -15.53
C PHE B 48 16.79 -13.88 -14.58
N ILE B 49 18.07 -14.20 -14.45
CA ILE B 49 18.55 -14.99 -13.32
C ILE B 49 19.34 -14.05 -12.40
N TYR B 50 19.61 -14.52 -11.19
CA TYR B 50 20.15 -13.66 -10.14
C TYR B 50 21.05 -14.41 -9.20
N ASP B 51 21.87 -13.64 -8.50
CA ASP B 51 22.81 -14.14 -7.51
CA ASP B 51 22.78 -14.17 -7.48
C ASP B 51 22.49 -13.50 -6.16
N VAL B 52 22.05 -14.30 -5.19
CA VAL B 52 21.67 -13.79 -3.87
C VAL B 52 22.91 -13.63 -2.99
N LYS B 53 23.12 -12.42 -2.50
CA LYS B 53 24.30 -12.12 -1.67
C LYS B 53 23.87 -11.45 -0.37
N LEU B 54 24.14 -12.09 0.76
CA LEU B 54 23.81 -11.47 2.05
C LEU B 54 24.62 -10.19 2.25
N VAL B 55 23.94 -9.12 2.69
CA VAL B 55 24.59 -7.83 2.85
C VAL B 55 25.78 -7.96 3.83
N PRO B 56 26.99 -7.57 3.39
CA PRO B 56 28.17 -7.83 4.23
C PRO B 56 28.12 -7.34 5.67
N ASP B 57 27.58 -6.14 5.90
CA ASP B 57 27.54 -5.59 7.25
C ASP B 57 26.34 -6.06 8.08
N GLY B 58 25.47 -6.87 7.49
CA GLY B 58 24.34 -7.44 8.23
C GLY B 58 23.28 -6.43 8.65
N LYS B 59 23.21 -5.30 7.95
CA LYS B 59 22.27 -4.23 8.32
C LYS B 59 21.27 -3.94 7.23
N TYR B 60 20.11 -3.45 7.63
CA TYR B 60 19.10 -2.99 6.65
C TYR B 60 19.52 -1.66 6.03
N GLY B 61 19.81 -0.67 6.87
CA GLY B 61 20.36 0.60 6.41
C GLY B 61 19.82 1.82 7.12
N ALA B 62 20.74 2.62 7.65
CA ALA B 62 20.40 3.90 8.23
C ALA B 62 21.54 4.85 7.94
N GLN B 63 21.28 6.15 8.08
CA GLN B 63 22.32 7.14 7.82
C GLN B 63 22.87 7.72 9.13
N ASN B 64 24.18 7.86 9.20
CA ASN B 64 24.85 8.39 10.38
C ASN B 64 24.82 9.92 10.40
N ASP B 65 25.46 10.51 11.42
CA ASP B 65 25.50 11.97 11.58
C ASP B 65 26.07 12.68 10.34
N LYS B 66 27.03 12.03 9.68
CA LYS B 66 27.64 12.56 8.46
C LYS B 66 26.77 12.38 7.21
N GLY B 67 25.64 11.68 7.35
CA GLY B 67 24.73 11.43 6.22
C GLY B 67 25.11 10.22 5.37
N GLU B 68 26.04 9.41 5.89
CA GLU B 68 26.51 8.22 5.20
C GLU B 68 25.61 7.05 5.53
N TRP B 69 25.26 6.27 4.51
CA TRP B 69 24.40 5.10 4.69
C TRP B 69 25.19 3.83 4.90
N ASN B 70 24.51 2.83 5.47
CA ASN B 70 25.08 1.49 5.58
C ASN B 70 24.07 0.46 5.10
N GLY B 71 24.37 -0.82 5.30
CA GLY B 71 23.45 -1.91 4.98
C GLY B 71 23.04 -2.04 3.52
N MET B 72 21.87 -2.62 3.31
CA MET B 72 21.38 -2.84 1.94
C MET B 72 21.17 -1.55 1.18
N VAL B 73 20.76 -0.50 1.90
CA VAL B 73 20.57 0.79 1.27
C VAL B 73 21.89 1.27 0.64
N LYS B 74 22.99 1.19 1.41
CA LYS B 74 24.31 1.54 0.89
C LYS B 74 24.71 0.69 -0.32
N GLU B 75 24.42 -0.61 -0.27
CA GLU B 75 24.73 -1.47 -1.41
C GLU B 75 24.05 -0.97 -2.69
N LEU B 76 22.81 -0.51 -2.55
CA LEU B 76 22.09 0.06 -3.68
C LEU B 76 22.67 1.40 -4.14
N ILE B 77 22.89 2.31 -3.18
CA ILE B 77 23.43 3.64 -3.52
C ILE B 77 24.75 3.50 -4.27
N ASP B 78 25.58 2.57 -3.80
CA ASP B 78 26.91 2.34 -4.37
C ASP B 78 26.91 1.40 -5.59
N HIS B 79 25.73 1.01 -6.07
CA HIS B 79 25.62 0.12 -7.22
C HIS B 79 26.47 -1.16 -7.04
N ARG B 80 26.43 -1.72 -5.83
CA ARG B 80 27.01 -3.01 -5.54
C ARG B 80 26.01 -4.12 -5.82
N ALA B 81 24.73 -3.75 -5.85
CA ALA B 81 23.66 -4.70 -6.15
C ALA B 81 22.67 -4.05 -7.09
N ASP B 82 21.99 -4.88 -7.87
CA ASP B 82 20.94 -4.41 -8.78
C ASP B 82 19.60 -4.28 -8.07
N LEU B 83 19.34 -5.19 -7.13
CA LEU B 83 18.08 -5.21 -6.41
CA LEU B 83 18.07 -5.22 -6.40
C LEU B 83 18.32 -5.58 -4.95
N ALA B 84 17.48 -5.05 -4.07
CA ALA B 84 17.40 -5.51 -2.68
C ALA B 84 16.04 -6.17 -2.52
N VAL B 85 16.03 -7.48 -2.26
CA VAL B 85 14.77 -8.20 -2.06
C VAL B 85 14.79 -8.78 -0.65
N ALA B 86 14.00 -8.17 0.21
CA ALA B 86 14.06 -8.35 1.66
C ALA B 86 12.83 -7.68 2.23
N PRO B 87 12.55 -7.89 3.56
CA PRO B 87 11.54 -7.07 4.21
C PRO B 87 12.09 -5.66 4.42
N LEU B 88 12.19 -4.92 3.31
CA LEU B 88 12.84 -3.62 3.29
C LEU B 88 11.76 -2.54 3.28
N THR B 89 11.68 -1.80 4.38
CA THR B 89 10.63 -0.82 4.61
C THR B 89 10.78 0.43 3.75
N ILE B 90 9.70 0.76 3.05
CA ILE B 90 9.61 1.97 2.23
C ILE B 90 9.41 3.19 3.12
N THR B 91 10.42 4.06 3.15
CA THR B 91 10.38 5.25 3.97
C THR B 91 10.76 6.48 3.17
N TYR B 92 10.31 7.64 3.63
CA TYR B 92 10.67 8.92 3.02
C TYR B 92 12.18 9.12 2.90
N VAL B 93 12.92 8.88 3.98
CA VAL B 93 14.36 9.14 3.95
C VAL B 93 15.07 8.23 2.94
N ARG B 94 14.64 6.98 2.85
CA ARG B 94 15.23 6.04 1.90
C ARG B 94 14.82 6.32 0.48
N GLU B 95 13.55 6.69 0.27
CA GLU B 95 13.04 6.95 -1.09
C GLU B 95 13.79 8.10 -1.77
N LYS B 96 14.35 9.01 -0.97
CA LYS B 96 15.15 10.11 -1.52
C LYS B 96 16.50 9.64 -2.07
N VAL B 97 16.97 8.46 -1.65
CA VAL B 97 18.30 7.99 -2.04
C VAL B 97 18.33 6.70 -2.89
N ILE B 98 17.23 5.94 -2.89
CA ILE B 98 17.09 4.76 -3.75
C ILE B 98 15.73 4.79 -4.41
N ASP B 99 15.50 3.90 -5.37
CA ASP B 99 14.18 3.77 -6.00
C ASP B 99 13.49 2.51 -5.49
N PHE B 100 12.39 2.65 -4.77
CA PHE B 100 11.61 1.48 -4.34
C PHE B 100 10.53 1.11 -5.36
N SER B 101 10.29 -0.19 -5.51
CA SER B 101 9.07 -0.66 -6.16
C SER B 101 7.85 -0.29 -5.32
N LYS B 102 6.67 -0.49 -5.90
CA LYS B 102 5.43 -0.45 -5.13
C LYS B 102 5.46 -1.55 -4.07
N PRO B 103 4.69 -1.37 -2.99
CA PRO B 103 4.79 -2.34 -1.89
C PRO B 103 4.23 -3.72 -2.22
N PHE B 104 4.88 -4.75 -1.67
CA PHE B 104 4.38 -6.12 -1.77
C PHE B 104 3.76 -6.65 -0.48
N MET B 105 3.84 -5.87 0.60
CA MET B 105 3.30 -6.26 1.90
C MET B 105 3.18 -4.99 2.72
N THR B 106 2.20 -4.95 3.62
CA THR B 106 2.08 -3.82 4.54
C THR B 106 2.18 -4.31 5.99
N LEU B 107 2.53 -3.38 6.87
CA LEU B 107 2.85 -3.68 8.27
C LEU B 107 2.90 -2.39 9.06
N GLY B 108 3.06 -2.51 10.37
CA GLY B 108 3.33 -1.36 11.23
C GLY B 108 4.19 -1.78 12.41
N ILE B 109 4.87 -0.81 13.01
CA ILE B 109 5.65 -1.07 14.22
C ILE B 109 4.70 -1.40 15.37
N SER B 110 5.07 -2.40 16.16
CA SER B 110 4.39 -2.68 17.42
C SER B 110 5.43 -3.19 18.43
N ILE B 111 4.98 -3.73 19.57
CA ILE B 111 5.87 -4.13 20.66
C ILE B 111 5.77 -5.63 20.88
N LEU B 112 6.93 -6.29 20.99
CA LEU B 112 7.03 -7.70 21.35
C LEU B 112 7.53 -7.80 22.77
N TYR B 113 6.81 -8.54 23.61
CA TYR B 113 7.28 -8.82 24.95
C TYR B 113 6.80 -10.20 25.41
N ARG B 114 7.19 -10.58 26.61
CA ARG B 114 6.62 -11.76 27.29
C ARG B 114 5.23 -11.41 27.82
N LYS B 115 4.53 -12.43 28.28
CA LYS B 115 3.19 -12.23 28.82
C LYS B 115 3.21 -11.84 30.30
N GLY B 116 2.09 -11.33 30.77
CA GLY B 116 1.88 -11.16 32.21
C GLY B 116 2.10 -9.79 32.81
N THR B 117 2.40 -8.78 31.97
CA THR B 117 2.59 -7.40 32.47
C THR B 117 1.33 -6.57 32.21
N PRO B 118 1.16 -5.45 32.95
CA PRO B 118 0.04 -4.56 32.68
C PRO B 118 0.33 -3.56 31.56
N ILE B 119 1.51 -3.65 30.94
CA ILE B 119 1.85 -2.76 29.83
C ILE B 119 0.96 -3.07 28.63
N ASP B 120 0.26 -2.05 28.15
CA ASP B 120 -0.76 -2.24 27.12
C ASP B 120 -0.57 -1.34 25.90
N SER B 121 0.48 -0.52 25.91
CA SER B 121 0.72 0.46 24.84
C SER B 121 2.13 1.02 24.92
N ALA B 122 2.55 1.73 23.88
CA ALA B 122 3.85 2.42 23.89
C ALA B 122 3.87 3.47 25.00
N ASP B 123 2.77 4.18 25.20
CA ASP B 123 2.66 5.12 26.32
C ASP B 123 3.00 4.44 27.66
N ASP B 124 2.41 3.27 27.91
CA ASP B 124 2.67 2.55 29.16
C ASP B 124 4.14 2.14 29.23
N LEU B 125 4.65 1.64 28.11
CA LEU B 125 6.03 1.18 28.04
C LEU B 125 7.04 2.29 28.35
N ALA B 126 6.79 3.48 27.80
CA ALA B 126 7.72 4.59 27.97
C ALA B 126 7.66 5.13 29.38
N LYS B 127 6.48 5.05 29.99
CA LYS B 127 6.26 5.62 31.31
C LYS B 127 6.91 4.79 32.42
N GLN B 128 6.73 3.48 32.33
CA GLN B 128 7.22 2.57 33.35
C GLN B 128 8.75 2.47 33.33
N THR B 129 9.33 2.03 34.44
CA THR B 129 10.78 2.00 34.58
C THR B 129 11.31 0.62 34.97
N LYS B 130 10.49 -0.41 34.81
CA LYS B 130 10.86 -1.76 35.24
C LYS B 130 11.51 -2.54 34.10
N ILE B 131 10.93 -2.41 32.90
CA ILE B 131 11.49 -3.11 31.76
C ILE B 131 12.08 -2.12 30.75
N GLU B 132 13.19 -2.51 30.13
CA GLU B 132 13.82 -1.68 29.11
C GLU B 132 13.27 -2.08 27.75
N TYR B 133 13.72 -1.39 26.70
CA TYR B 133 13.21 -1.64 25.37
C TYR B 133 14.15 -1.06 24.34
N GLY B 134 13.99 -1.53 23.11
CA GLY B 134 14.86 -1.08 22.05
C GLY B 134 14.39 -1.61 20.72
N ALA B 135 15.28 -1.57 19.74
CA ALA B 135 15.00 -1.95 18.37
C ALA B 135 16.26 -2.52 17.75
N VAL B 136 16.13 -3.15 16.58
CA VAL B 136 17.32 -3.56 15.82
C VAL B 136 18.09 -2.32 15.35
N ARG B 137 19.40 -2.33 15.53
CA ARG B 137 20.22 -1.19 15.15
C ARG B 137 20.22 -1.01 13.63
N ASP B 138 20.03 0.24 13.22
CA ASP B 138 20.20 0.66 11.82
C ASP B 138 19.14 0.11 10.86
N GLY B 139 17.94 -0.10 11.38
CA GLY B 139 16.78 -0.38 10.56
C GLY B 139 15.78 0.76 10.65
N SER B 140 14.66 0.58 9.96
CA SER B 140 13.63 1.60 9.88
C SER B 140 12.90 1.82 11.20
N THR B 141 12.84 0.80 12.04
CA THR B 141 12.20 0.98 13.35
C THR B 141 13.02 1.93 14.22
N MET B 142 14.32 1.70 14.31
CA MET B 142 15.22 2.64 14.99
C MET B 142 15.03 4.04 14.42
N THR B 143 15.06 4.14 13.10
CA THR B 143 14.95 5.44 12.43
C THR B 143 13.60 6.13 12.70
N PHE B 144 12.53 5.34 12.79
CA PHE B 144 11.23 5.91 13.15
C PHE B 144 11.31 6.66 14.46
N PHE B 145 11.92 6.03 15.46
CA PHE B 145 12.06 6.69 16.75
C PHE B 145 12.99 7.88 16.69
N LYS B 146 14.13 7.70 16.03
CA LYS B 146 15.13 8.77 15.89
C LYS B 146 14.52 10.04 15.29
N LYS B 147 13.57 9.86 14.37
CA LYS B 147 13.00 10.97 13.61
C LYS B 147 11.67 11.50 14.16
N SER B 148 11.09 10.81 15.13
CA SER B 148 9.74 11.16 15.60
C SER B 148 9.68 12.53 16.27
N LYS B 149 8.56 13.21 16.06
CA LYS B 149 8.25 14.46 16.74
C LYS B 149 7.10 14.28 17.74
N ILE B 150 6.69 13.02 17.95
CA ILE B 150 5.65 12.67 18.90
C ILE B 150 6.31 12.43 20.25
N SER B 151 5.82 13.11 21.29
CA SER B 151 6.50 13.13 22.58
C SER B 151 6.86 11.76 23.15
N THR B 152 5.89 10.84 23.20
CA THR B 152 6.16 9.49 23.72
C THR B 152 7.35 8.86 22.97
N TYR B 153 7.33 8.99 21.65
CA TYR B 153 8.33 8.35 20.82
C TYR B 153 9.68 9.07 20.89
N GLU B 154 9.66 10.40 21.06
CA GLU B 154 10.87 11.18 21.33
C GLU B 154 11.53 10.72 22.63
N LYS B 155 10.72 10.47 23.67
CA LYS B 155 11.25 9.95 24.92
C LYS B 155 11.85 8.57 24.72
N MET B 156 11.13 7.73 23.99
CA MET B 156 11.60 6.37 23.74
C MET B 156 12.91 6.37 22.96
N TRP B 157 13.04 7.27 21.99
CA TRP B 157 14.31 7.41 21.27
C TRP B 157 15.45 7.84 22.21
N ALA B 158 15.20 8.86 23.02
CA ALA B 158 16.21 9.31 23.98
C ALA B 158 16.66 8.15 24.89
N PHE B 159 15.70 7.35 25.36
CA PHE B 159 16.04 6.18 26.18
C PHE B 159 16.88 5.16 25.39
N MET B 160 16.40 4.76 24.22
CA MET B 160 17.14 3.82 23.37
C MET B 160 18.54 4.29 23.05
N SER B 161 18.65 5.59 22.73
CA SER B 161 19.93 6.18 22.37
C SER B 161 20.90 6.25 23.54
N SER B 162 20.38 6.48 24.75
CA SER B 162 21.20 6.60 25.95
C SER B 162 21.76 5.25 26.37
N ARG B 163 21.01 4.19 26.05
CA ARG B 163 21.40 2.83 26.33
C ARG B 163 21.68 2.09 25.03
N GLN B 164 22.09 2.83 23.99
CA GLN B 164 22.27 2.26 22.65
C GLN B 164 23.17 1.04 22.64
N GLN B 165 24.32 1.17 23.31
CA GLN B 165 25.32 0.11 23.43
C GLN B 165 24.61 -1.18 23.77
N THR B 166 23.59 -1.02 24.60
CA THR B 166 22.79 -2.13 25.10
C THR B 166 21.48 -2.25 24.32
N ALA B 167 20.63 -1.23 24.38
CA ALA B 167 19.24 -1.29 23.88
C ALA B 167 19.05 -1.59 22.39
N LEU B 168 20.03 -1.25 21.57
CA LEU B 168 19.91 -1.46 20.12
C LEU B 168 20.64 -2.73 19.69
N VAL B 169 19.85 -3.74 19.35
CA VAL B 169 20.37 -5.09 19.12
C VAL B 169 20.84 -5.30 17.68
N ARG B 170 21.69 -6.28 17.47
CA ARG B 170 22.31 -6.49 16.16
C ARG B 170 21.31 -6.96 15.10
N ASN B 171 20.38 -7.81 15.51
CA ASN B 171 19.41 -8.41 14.62
C ASN B 171 18.22 -8.88 15.44
N SER B 172 17.17 -9.32 14.74
CA SER B 172 15.93 -9.67 15.42
C SER B 172 16.09 -10.89 16.33
N ASP B 173 16.99 -11.82 15.98
CA ASP B 173 17.25 -12.97 16.85
C ASP B 173 17.84 -12.56 18.20
N GLU B 174 18.80 -11.64 18.19
CA GLU B 174 19.33 -11.12 19.44
C GLU B 174 18.21 -10.43 20.23
N GLY B 175 17.36 -9.69 19.53
CA GLY B 175 16.27 -8.98 20.19
C GLY B 175 15.32 -9.95 20.87
N ILE B 176 14.91 -10.98 20.14
CA ILE B 176 14.00 -12.00 20.68
C ILE B 176 14.63 -12.72 21.87
N GLN B 177 15.90 -13.09 21.76
CA GLN B 177 16.61 -13.70 22.90
C GLN B 177 16.60 -12.79 24.13
N ARG B 178 16.79 -11.50 23.91
CA ARG B 178 16.76 -10.52 24.97
C ARG B 178 15.37 -10.42 25.63
N VAL B 179 14.33 -10.45 24.81
CA VAL B 179 12.96 -10.47 25.32
C VAL B 179 12.70 -11.71 26.18
N LEU B 180 13.20 -12.86 25.74
CA LEU B 180 12.96 -14.12 26.43
C LEU B 180 13.71 -14.25 27.74
N THR B 181 14.89 -13.62 27.83
CA THR B 181 15.82 -13.88 28.94
C THR B 181 16.04 -12.70 29.89
N THR B 182 15.60 -11.51 29.50
CA THR B 182 15.76 -10.33 30.34
C THR B 182 14.48 -9.50 30.28
N ASP B 183 14.40 -8.46 31.12
CA ASP B 183 13.23 -7.58 31.13
C ASP B 183 13.40 -6.50 30.07
N TYR B 184 13.13 -6.90 28.84
CA TYR B 184 13.35 -6.07 27.65
C TYR B 184 12.25 -6.35 26.66
N ALA B 185 11.65 -5.30 26.13
CA ALA B 185 10.67 -5.37 25.06
C ALA B 185 11.28 -4.89 23.73
N LEU B 186 10.92 -5.56 22.64
CA LEU B 186 11.48 -5.24 21.33
C LEU B 186 10.44 -4.54 20.46
N LEU B 187 10.80 -3.37 19.95
CA LEU B 187 9.98 -2.69 18.96
C LEU B 187 10.25 -3.37 17.61
N MET B 188 9.17 -3.85 17.00
CA MET B 188 9.27 -4.85 15.94
C MET B 188 8.11 -4.65 14.96
N GLU B 189 8.35 -4.92 13.69
CA GLU B 189 7.27 -4.87 12.71
C GLU B 189 6.24 -5.99 12.89
N SER B 190 4.98 -5.60 12.74
CA SER B 190 3.82 -6.44 13.05
C SER B 190 3.81 -7.79 12.33
N THR B 191 4.35 -7.82 11.11
CA THR B 191 4.41 -9.06 10.34
C THR B 191 5.36 -10.07 10.99
N SER B 192 6.44 -9.60 11.59
CA SER B 192 7.33 -10.49 12.31
C SER B 192 6.74 -10.89 13.65
N ILE B 193 6.03 -9.98 14.31
CA ILE B 193 5.34 -10.32 15.55
C ILE B 193 4.32 -11.41 15.30
N GLU B 194 3.54 -11.28 14.22
CA GLU B 194 2.55 -12.31 13.84
C GLU B 194 3.22 -13.68 13.68
N TYR B 195 4.37 -13.69 13.02
CA TYR B 195 5.11 -14.93 12.80
C TYR B 195 5.58 -15.57 14.11
N VAL B 196 6.26 -14.79 14.95
CA VAL B 196 6.89 -15.35 16.14
C VAL B 196 5.89 -15.76 17.20
N THR B 197 4.81 -14.99 17.33
CA THR B 197 3.82 -15.25 18.39
C THR B 197 2.95 -16.45 18.10
N GLN B 198 2.99 -16.96 16.88
CA GLN B 198 2.27 -18.21 16.58
C GLN B 198 3.20 -19.40 16.65
N ARG B 199 4.46 -19.15 17.01
CA ARG B 199 5.47 -20.20 17.13
C ARG B 199 6.01 -20.36 18.55
N ASN B 200 6.18 -19.25 19.26
CA ASN B 200 6.59 -19.25 20.65
C ASN B 200 5.48 -18.65 21.50
N CYS B 201 4.81 -19.49 22.28
CA CYS B 201 3.62 -19.05 23.02
C CYS B 201 3.95 -18.27 24.29
N ASN B 202 5.24 -18.07 24.56
CA ASN B 202 5.64 -17.18 25.64
C ASN B 202 5.68 -15.71 25.22
N LEU B 203 5.56 -15.47 23.91
CA LEU B 203 5.68 -14.12 23.35
C LEU B 203 4.31 -13.56 22.99
N THR B 204 4.18 -12.25 23.10
CA THR B 204 2.93 -11.58 22.75
C THR B 204 3.19 -10.19 22.17
N GLN B 205 2.26 -9.72 21.36
CA GLN B 205 2.23 -8.32 20.97
C GLN B 205 1.65 -7.47 22.11
N ILE B 206 2.22 -6.28 22.30
CA ILE B 206 1.70 -5.31 23.25
C ILE B 206 1.18 -4.11 22.48
N GLY B 207 -0.08 -3.75 22.71
CA GLY B 207 -0.74 -2.67 22.00
C GLY B 207 -0.97 -2.95 20.53
N GLY B 208 -1.33 -1.90 19.79
CA GLY B 208 -1.64 -2.01 18.37
C GLY B 208 -0.47 -1.56 17.53
N LEU B 209 -0.78 -1.16 16.31
CA LEU B 209 0.23 -0.70 15.39
C LEU B 209 0.43 0.81 15.57
N ILE B 210 1.70 1.22 15.65
CA ILE B 210 2.03 2.63 15.85
C ILE B 210 2.17 3.44 14.56
N ASP B 211 2.36 2.75 13.45
CA ASP B 211 2.35 3.35 12.13
C ASP B 211 1.85 2.35 11.09
N SER B 212 1.91 2.75 9.83
CA SER B 212 1.50 1.90 8.73
C SER B 212 2.36 2.22 7.53
N LYS B 213 2.94 1.18 6.93
CA LYS B 213 3.86 1.36 5.80
C LYS B 213 4.00 0.05 5.06
N GLY B 214 4.86 0.03 4.06
CA GLY B 214 5.01 -1.16 3.23
C GLY B 214 6.44 -1.59 3.03
N TYR B 215 6.60 -2.84 2.61
CA TYR B 215 7.87 -3.34 2.08
C TYR B 215 7.90 -3.23 0.57
N GLY B 216 9.05 -2.84 0.04
CA GLY B 216 9.25 -2.77 -1.41
C GLY B 216 10.59 -3.34 -1.80
N VAL B 217 10.72 -3.71 -3.07
CA VAL B 217 12.02 -4.07 -3.64
C VAL B 217 12.81 -2.78 -3.87
N GLY B 218 14.05 -2.76 -3.39
CA GLY B 218 14.90 -1.59 -3.59
C GLY B 218 15.74 -1.70 -4.85
N THR B 219 15.93 -0.58 -5.54
CA THR B 219 16.87 -0.52 -6.66
C THR B 219 17.64 0.79 -6.55
N PRO B 220 18.83 0.87 -7.18
CA PRO B 220 19.50 2.18 -7.21
C PRO B 220 18.66 3.21 -7.96
N ILE B 221 18.82 4.49 -7.59
CA ILE B 221 18.08 5.57 -8.28
C ILE B 221 18.38 5.49 -9.77
N GLY B 222 17.33 5.60 -10.57
CA GLY B 222 17.46 5.54 -12.01
C GLY B 222 17.51 4.14 -12.59
N SER B 223 17.35 3.12 -11.74
CA SER B 223 17.37 1.75 -12.23
C SER B 223 16.34 1.51 -13.32
N PRO B 224 16.76 0.83 -14.41
CA PRO B 224 15.86 0.46 -15.49
C PRO B 224 14.99 -0.74 -15.13
N TYR B 225 15.18 -1.28 -13.91
CA TYR B 225 14.38 -2.41 -13.46
C TYR B 225 13.23 -2.05 -12.54
N ARG B 226 13.32 -0.91 -11.85
CA ARG B 226 12.32 -0.58 -10.82
C ARG B 226 10.89 -0.60 -11.35
N ASP B 227 10.64 0.08 -12.46
CA ASP B 227 9.27 0.13 -13.00
C ASP B 227 8.80 -1.25 -13.45
N LYS B 228 9.69 -2.05 -14.04
CA LYS B 228 9.32 -3.41 -14.41
C LYS B 228 9.01 -4.27 -13.18
N ILE B 229 9.79 -4.09 -12.11
CA ILE B 229 9.52 -4.80 -10.84
C ILE B 229 8.18 -4.36 -10.25
N THR B 230 7.88 -3.06 -10.30
CA THR B 230 6.59 -2.58 -9.83
C THR B 230 5.44 -3.22 -10.58
N ILE B 231 5.57 -3.28 -11.90
CA ILE B 231 4.52 -3.86 -12.73
C ILE B 231 4.33 -5.35 -12.37
N ALA B 232 5.45 -6.06 -12.18
CA ALA B 232 5.41 -7.46 -11.79
C ALA B 232 4.77 -7.66 -10.41
N ILE B 233 5.08 -6.78 -9.46
CA ILE B 233 4.46 -6.84 -8.14
C ILE B 233 2.94 -6.65 -8.22
N LEU B 234 2.50 -5.67 -9.01
CA LEU B 234 1.07 -5.47 -9.18
C LEU B 234 0.40 -6.67 -9.81
N GLN B 235 1.06 -7.32 -10.76
CA GLN B 235 0.54 -8.56 -11.34
C GLN B 235 0.37 -9.64 -10.28
N LEU B 236 1.42 -9.85 -9.48
CA LEU B 236 1.37 -10.87 -8.43
C LEU B 236 0.31 -10.55 -7.38
N GLN B 237 0.18 -9.27 -7.07
CA GLN B 237 -0.83 -8.77 -6.14
C GLN B 237 -2.22 -9.15 -6.65
N GLU B 238 -2.51 -8.74 -7.89
CA GLU B 238 -3.84 -8.92 -8.45
C GLU B 238 -4.19 -10.40 -8.68
N GLU B 239 -3.18 -11.20 -8.96
CA GLU B 239 -3.39 -12.63 -9.22
C GLU B 239 -3.54 -13.42 -7.92
N GLY B 240 -3.36 -12.73 -6.78
CA GLY B 240 -3.50 -13.38 -5.48
C GLY B 240 -2.25 -14.14 -5.03
N LYS B 241 -1.18 -14.04 -5.81
CA LYS B 241 0.04 -14.79 -5.51
C LYS B 241 0.80 -14.29 -4.28
N LEU B 242 0.82 -12.98 -4.07
CA LEU B 242 1.44 -12.44 -2.85
C LEU B 242 0.72 -12.96 -1.61
N HIS B 243 -0.61 -12.97 -1.67
CA HIS B 243 -1.38 -13.50 -0.55
C HIS B 243 -1.10 -14.99 -0.31
N MET B 244 -1.04 -15.75 -1.38
CA MET B 244 -0.69 -17.18 -1.31
C MET B 244 0.68 -17.40 -0.69
N MET B 245 1.64 -16.57 -1.08
CA MET B 245 2.99 -16.67 -0.55
C MET B 245 3.04 -16.38 0.95
N LYS B 246 2.28 -15.37 1.37
CA LYS B 246 2.20 -15.02 2.78
C LYS B 246 1.60 -16.21 3.55
N GLU B 247 0.50 -16.76 3.05
CA GLU B 247 -0.10 -17.94 3.69
C GLU B 247 0.89 -19.10 3.79
N LYS B 248 1.68 -19.31 2.75
CA LYS B 248 2.66 -20.40 2.72
C LYS B 248 3.70 -20.29 3.85
N TRP B 249 4.19 -19.07 4.07
CA TRP B 249 5.35 -18.88 4.93
C TRP B 249 4.98 -18.49 6.36
N TRP B 250 3.77 -18.01 6.56
CA TRP B 250 3.33 -17.70 7.93
C TRP B 250 2.59 -18.90 8.48
N ARG B 251 3.37 -19.79 9.09
CA ARG B 251 2.88 -21.03 9.66
C ARG B 251 3.50 -21.21 11.03
N GLY B 252 2.80 -21.95 11.87
CA GLY B 252 3.25 -22.27 13.22
C GLY B 252 2.35 -23.35 13.77
N ASN B 253 2.80 -23.99 14.86
CA ASN B 253 1.97 -24.94 15.58
C ASN B 253 0.77 -24.21 16.17
N GLY B 254 0.94 -22.91 16.39
CA GLY B 254 -0.15 -22.06 16.84
C GLY B 254 -0.16 -21.88 18.35
N CYS B 255 -0.71 -20.76 18.79
CA CYS B 255 -0.78 -20.41 20.20
C CYS B 255 -2.17 -19.87 20.51
N PRO B 256 -2.62 -20.04 21.77
CA PRO B 256 -3.89 -19.43 22.17
C PRO B 256 -3.85 -17.91 22.15
C1 GOL C . -27.60 12.53 -18.51
O1 GOL C . -28.74 13.32 -18.77
C2 GOL C . -26.79 13.13 -17.36
O2 GOL C . -27.45 12.91 -16.13
C3 GOL C . -25.40 12.50 -17.32
O3 GOL C . -24.61 13.12 -16.31
C1 GOL D . -27.62 -14.93 -14.13
O1 GOL D . -28.82 -14.23 -13.86
C2 GOL D . -27.68 -16.33 -13.54
O2 GOL D . -28.78 -17.08 -14.02
C3 GOL D . -27.72 -16.29 -12.00
O3 GOL D . -27.54 -17.60 -11.49
C1 GOL E . -2.39 -3.87 -1.65
O1 GOL E . -2.84 -4.59 -0.51
C2 GOL E . -2.02 -2.45 -1.25
O2 GOL E . -1.19 -2.49 -0.12
C3 GOL E . -1.26 -1.79 -2.40
O3 GOL E . -1.23 -0.37 -2.25
C1 GOL F . -8.25 -3.44 -10.11
O1 GOL F . -7.59 -3.35 -8.86
C2 GOL F . -7.47 -4.42 -10.98
O2 GOL F . -7.61 -5.72 -10.43
C3 GOL F . -7.98 -4.44 -12.42
O3 GOL F . -7.32 -3.48 -13.22
C1 GOL G . -8.78 17.77 -18.25
O1 GOL G . -9.01 16.85 -17.19
C2 GOL G . -7.29 18.04 -18.42
O2 GOL G . -6.60 16.84 -18.71
C3 GOL G . -7.09 19.04 -19.55
O3 GOL G . -5.73 19.18 -19.88
C1 GOL H . -15.22 -15.84 -4.85
O1 GOL H . -15.96 -16.97 -5.25
C2 GOL H . -14.13 -16.20 -3.84
O2 GOL H . -14.64 -17.11 -2.88
C3 GOL H . -12.95 -16.84 -4.57
O3 GOL H . -11.86 -15.94 -4.54
C1 GOL I . -17.73 -0.70 -21.16
O1 GOL I . -17.13 0.32 -21.93
C2 GOL I . -17.76 -2.02 -21.92
O2 GOL I . -17.65 -1.78 -23.30
C3 GOL I . -16.61 -2.91 -21.45
O3 GOL I . -16.63 -4.12 -22.17
O NDZ J . -9.59 4.36 -10.45
C NDZ J . -10.70 3.84 -10.72
OXT NDZ J . -11.03 3.50 -11.88
CA NDZ J . -11.73 3.64 -9.63
N NDZ J . -11.26 4.20 -8.37
CB NDZ J . -13.06 4.25 -10.08
CAJ NDZ J . -14.29 3.78 -9.32
CAD NDZ J . -14.51 2.28 -9.44
OAA NDZ J . -15.00 1.68 -8.45
OAE NDZ J . -14.18 1.71 -10.52
CAR NDZ J . -15.54 4.54 -9.80
OAI NDZ J . -14.16 4.08 -7.92
CAH NDZ J . -14.95 5.21 -7.58
CAQ NDZ J . -16.14 5.09 -8.51
OAP NDZ J . -17.13 4.16 -8.04
CAO NDZ J . -17.50 4.30 -6.67
CAF NDZ J . -16.28 4.09 -5.77
OAB NDZ J . -15.74 2.78 -6.00
CAG NDZ J . -15.25 5.16 -6.08
OAC NDZ J . -14.03 4.93 -5.34
S SO4 K . -12.96 23.03 -16.03
O1 SO4 K . -11.89 23.91 -15.56
O2 SO4 K . -13.05 21.87 -15.13
O3 SO4 K . -14.23 23.75 -16.03
O4 SO4 K . -12.66 22.57 -17.38
S SO4 L . -10.58 24.28 5.09
O1 SO4 L . -11.02 25.24 4.09
O2 SO4 L . -9.14 24.09 4.99
O3 SO4 L . -10.90 24.79 6.42
O4 SO4 L . -11.25 23.01 4.88
C1 GOL M . 12.28 5.08 29.77
O1 GOL M . 11.09 5.10 29.03
C2 GOL M . 12.17 4.15 30.99
O2 GOL M . 11.16 4.65 31.83
C3 GOL M . 11.86 2.73 30.55
O3 GOL M . 12.36 1.78 31.46
C1 GOL N . 0.60 2.79 4.30
O1 GOL N . -0.58 2.54 5.05
C2 GOL N . 0.80 1.69 3.28
O2 GOL N . -0.39 1.55 2.53
C3 GOL N . 1.95 2.08 2.34
O3 GOL N . 2.35 0.99 1.53
C1 GOL O . 6.71 4.93 -7.74
O1 GOL O . 7.24 5.70 -6.68
C2 GOL O . 6.72 3.47 -7.36
O2 GOL O . 5.73 3.24 -6.40
C3 GOL O . 6.46 2.53 -8.55
O3 GOL O . 7.60 2.20 -9.31
O NDZ P . 13.70 -2.16 6.39
C NDZ P . 14.01 -2.10 7.60
OXT NDZ P . 14.94 -1.37 8.02
CA NDZ P . 13.25 -2.90 8.62
N NDZ P . 12.25 -3.74 7.96
CB NDZ P . 14.24 -3.74 9.43
CAJ NDZ P . 13.68 -4.25 10.75
CAD NDZ P . 13.19 -3.14 11.65
OAA NDZ P . 12.16 -3.34 12.35
OAE NDZ P . 13.82 -2.04 11.66
CAR NDZ P . 14.73 -5.09 11.48
OAI NDZ P . 12.59 -5.16 10.49
CAH NDZ P . 12.99 -6.50 10.68
CAQ NDZ P . 14.03 -6.41 11.79
OAP NDZ P . 13.42 -6.28 13.08
CAO NDZ P . 12.43 -7.25 13.40
CAF NDZ P . 11.26 -7.08 12.43
OAB NDZ P . 10.76 -5.74 12.57
CAG NDZ P . 11.76 -7.34 11.01
OAC NDZ P . 10.72 -7.05 10.05
S SO4 Q . 26.97 -15.09 1.72
O1 SO4 Q . 27.85 -14.20 2.45
O2 SO4 Q . 26.08 -15.74 2.69
O3 SO4 Q . 26.18 -14.30 0.75
O4 SO4 Q . 27.69 -16.12 0.97
#